data_9R9D
#
_entry.id   9R9D
#
_cell.length_a   153.408
_cell.length_b   153.408
_cell.length_c   127.609
_cell.angle_alpha   90.000
_cell.angle_beta   90.000
_cell.angle_gamma   90.000
#
_symmetry.space_group_name_H-M   'I 4 2 2'
#
loop_
_entity.id
_entity.type
_entity.pdbx_description
1 polymer Cholinesterase
2 branched alpha-L-fucopyranose-(1-6)-2-acetamido-2-deoxy-beta-D-glucopyranose
3 branched 2-acetamido-2-deoxy-beta-D-glucopyranose-(1-4)-[alpha-L-fucopyranose-(1-6)]2-acetamido-2-deoxy-beta-D-glucopyranose
4 non-polymer 2-acetamido-2-deoxy-beta-D-glucopyranose
5 non-polymer ~{N}-(2-methoxyethyl)-~{N}-[[(3~{R})-1-prop-2-ynylpyrrolidin-3-yl]methyl]naphthalene-2-carboxamide
6 non-polymer 'SULFATE ION'
7 non-polymer 'CHLORIDE ION'
8 water water
#
_entity_poly.entity_id   1
_entity_poly.type   'polypeptide(L)'
_entity_poly.pdbx_seq_one_letter_code
;EDDIIIATKNGKVRGMQLTVFGGTVTAFLGIPYAQPPLGRLRFKKPQSLTKWSDIWNATKYANSCCQNIDQSFPGFHGSE
MWNPNTDLSEDCLYLNVWIPAPKPKNATVLIWIYGGGFQTGTSSLHVYDGKFLARVERVIVVSMNYRVGALGFLALPGNP
EAPGNMGLFDQQLALQWVQKNIAAFGGNPKSVTLFGESAGAASVSLHLLSPGSHSLFTRAILQSGSFNAPWAVTSLYEAR
NRTLNLAKLTGCSRENETEIIKCLRNKDPQEILLNEAFVVPYGTPLSVNFGPTVDGDFLTDMPDILLELGQFKKTQILVG
VNKDEGTAFLVYGAPGFSKDNNSIITRKEFQEGLKIFFPGVSEFGKESILFHYTDWVDDQRPENYREALGDVVGDYNFIC
PALEFTKKFSEWGNNAFFYYFEHRSSKLPWPEWMGVMHGYEIEFVFGLPLERRDQYTKAEEILSRSIVKRWANFAKYGNP
QETQNQSTSWPVFKSTEQKYLTLNTESTRIMTKLRAQQCRFWTSFFPKV
;
_entity_poly.pdbx_strand_id   A
#
loop_
_chem_comp.id
_chem_comp.type
_chem_comp.name
_chem_comp.formula
A1JDP non-polymer ~{N}-(2-methoxyethyl)-~{N}-[[(3~{R})-1-prop-2-ynylpyrrolidin-3-yl]methyl]naphthalene-2-carboxamide 'C22 H26 N2 O2'
CL non-polymer 'CHLORIDE ION' 'Cl -1'
FUC L-saccharide, alpha linking alpha-L-fucopyranose 'C6 H12 O5'
NAG D-saccharide, beta linking 2-acetamido-2-deoxy-beta-D-glucopyranose 'C8 H15 N O6'
SO4 non-polymer 'SULFATE ION' 'O4 S -2'
#
# COMPACT_ATOMS: atom_id res chain seq x y z
N ILE A 4 -23.36 -22.15 -3.70
CA ILE A 4 -22.21 -22.37 -4.57
C ILE A 4 -20.97 -22.81 -3.77
N ILE A 5 -20.45 -23.99 -4.11
CA ILE A 5 -19.39 -24.65 -3.36
C ILE A 5 -18.20 -24.87 -4.30
N ILE A 6 -16.99 -24.60 -3.81
CA ILE A 6 -15.77 -24.83 -4.56
C ILE A 6 -14.86 -25.73 -3.74
N ALA A 7 -14.25 -26.71 -4.40
CA ALA A 7 -13.32 -27.62 -3.75
C ALA A 7 -11.91 -27.08 -3.89
N THR A 8 -11.31 -26.65 -2.79
CA THR A 8 -9.94 -26.19 -2.78
C THR A 8 -9.02 -27.31 -2.30
N LYS A 9 -7.71 -27.06 -2.36
CA LYS A 9 -6.75 -28.10 -1.99
C LYS A 9 -6.91 -28.53 -0.53
N ASN A 10 -7.43 -27.66 0.34
CA ASN A 10 -7.56 -27.95 1.76
C ASN A 10 -8.99 -28.25 2.19
N GLY A 11 -9.96 -28.27 1.28
CA GLY A 11 -11.32 -28.52 1.67
C GLY A 11 -12.29 -27.66 0.90
N LYS A 12 -13.58 -27.94 1.06
CA LYS A 12 -14.61 -27.19 0.35
C LYS A 12 -14.91 -25.87 1.04
N VAL A 13 -15.21 -24.85 0.24
CA VAL A 13 -15.64 -23.56 0.75
C VAL A 13 -16.97 -23.19 0.11
N ARG A 14 -17.84 -22.56 0.89
CA ARG A 14 -19.12 -22.06 0.42
C ARG A 14 -19.06 -20.54 0.31
N GLY A 15 -19.38 -20.02 -0.86
CA GLY A 15 -19.46 -18.59 -1.10
C GLY A 15 -20.89 -18.08 -1.07
N MET A 16 -21.09 -16.89 -1.64
CA MET A 16 -22.40 -16.28 -1.62
C MET A 16 -22.60 -15.39 -2.84
N GLN A 17 -23.83 -15.35 -3.34
CA GLN A 17 -24.15 -14.58 -4.52
C GLN A 17 -24.38 -13.11 -4.17
N LEU A 18 -23.88 -12.23 -5.01
CA LEU A 18 -23.99 -10.80 -4.82
C LEU A 18 -24.64 -10.18 -6.04
N THR A 19 -25.58 -9.27 -5.82
CA THR A 19 -26.21 -8.55 -6.92
C THR A 19 -25.40 -7.30 -7.22
N VAL A 20 -24.88 -7.22 -8.44
CA VAL A 20 -24.04 -6.09 -8.86
C VAL A 20 -24.48 -5.70 -10.26
N PHE A 21 -24.98 -4.47 -10.40
CA PHE A 21 -25.24 -3.87 -11.72
C PHE A 21 -26.06 -4.81 -12.61
N GLY A 22 -27.21 -5.23 -12.09
CA GLY A 22 -28.06 -6.11 -12.87
C GLY A 22 -27.41 -7.44 -13.20
N GLY A 23 -26.38 -7.83 -12.47
CA GLY A 23 -25.69 -9.07 -12.72
C GLY A 23 -25.35 -9.73 -11.40
N THR A 24 -24.45 -10.69 -11.42
CA THR A 24 -24.13 -11.46 -10.22
C THR A 24 -22.63 -11.59 -10.10
N VAL A 25 -22.14 -11.50 -8.86
CA VAL A 25 -20.76 -11.81 -8.52
C VAL A 25 -20.80 -12.83 -7.40
N THR A 26 -19.91 -13.82 -7.44
CA THR A 26 -19.79 -14.78 -6.36
C THR A 26 -18.62 -14.39 -5.47
N ALA A 27 -18.88 -14.25 -4.17
CA ALA A 27 -17.90 -13.80 -3.22
C ALA A 27 -17.59 -14.93 -2.24
N PHE A 28 -16.31 -15.18 -2.03
CA PHE A 28 -15.83 -16.05 -0.95
C PHE A 28 -15.06 -15.14 0.00
N LEU A 29 -15.70 -14.73 1.08
CA LEU A 29 -15.09 -13.81 2.04
C LEU A 29 -14.54 -14.62 3.21
N GLY A 30 -13.27 -14.41 3.53
CA GLY A 30 -12.73 -15.05 4.71
C GLY A 30 -12.34 -16.51 4.57
N ILE A 31 -11.61 -16.85 3.50
CA ILE A 31 -11.02 -18.18 3.40
C ILE A 31 -9.71 -18.19 4.18
N PRO A 32 -9.49 -19.15 5.08
CA PRO A 32 -8.19 -19.20 5.77
C PRO A 32 -7.10 -19.67 4.82
N TYR A 33 -5.91 -19.09 4.95
CA TYR A 33 -4.82 -19.54 4.11
C TYR A 33 -3.59 -19.90 4.92
N ALA A 34 -3.68 -19.87 6.25
CA ALA A 34 -2.54 -20.24 7.08
C ALA A 34 -3.06 -20.67 8.43
N GLN A 35 -2.26 -21.45 9.13
CA GLN A 35 -2.55 -21.74 10.52
C GLN A 35 -2.61 -20.43 11.30
N PRO A 36 -3.63 -20.22 12.13
CA PRO A 36 -3.66 -19.01 12.97
C PRO A 36 -2.35 -18.83 13.70
N PRO A 37 -1.70 -17.68 13.56
CA PRO A 37 -0.37 -17.52 14.17
C PRO A 37 -0.46 -17.16 15.64
N LEU A 38 -0.97 -18.10 16.43
CA LEU A 38 -1.29 -17.91 17.83
C LEU A 38 -0.26 -18.60 18.72
N GLY A 39 -0.15 -18.11 19.95
CA GLY A 39 0.60 -18.82 20.97
C GLY A 39 2.07 -18.88 20.59
N ARG A 40 2.59 -20.10 20.46
CA ARG A 40 3.98 -20.28 20.06
C ARG A 40 4.23 -19.88 18.62
N LEU A 41 3.19 -19.71 17.80
CA LEU A 41 3.36 -19.25 16.43
C LEU A 41 3.37 -17.74 16.29
N ARG A 42 3.10 -17.00 17.36
CA ARG A 42 3.22 -15.54 17.25
C ARG A 42 4.66 -15.15 16.92
N PHE A 43 4.82 -14.27 15.95
CA PHE A 43 6.06 -13.71 15.42
C PHE A 43 6.79 -14.66 14.44
N LYS A 44 6.31 -15.88 14.23
CA LYS A 44 6.94 -16.78 13.27
C LYS A 44 6.33 -16.61 11.89
N LYS A 45 7.05 -17.12 10.88
CA LYS A 45 6.49 -17.17 9.54
C LYS A 45 5.19 -17.97 9.57
N PRO A 46 4.26 -17.69 8.66
CA PRO A 46 2.98 -18.40 8.67
C PRO A 46 3.19 -19.86 8.29
N GLN A 47 2.55 -20.76 9.03
CA GLN A 47 2.64 -22.19 8.81
C GLN A 47 1.50 -22.67 7.91
N SER A 48 1.73 -23.80 7.25
CA SER A 48 0.75 -24.38 6.35
C SER A 48 -0.52 -24.75 7.10
N LEU A 49 -1.62 -24.82 6.36
CA LEU A 49 -2.93 -25.01 6.94
C LEU A 49 -3.32 -26.48 6.89
N THR A 50 -3.75 -27.01 8.03
CA THR A 50 -4.21 -28.38 8.10
C THR A 50 -5.58 -28.50 7.43
N LYS A 51 -5.70 -29.49 6.55
CA LYS A 51 -6.91 -29.69 5.76
C LYS A 51 -8.15 -29.84 6.64
N TRP A 52 -9.29 -29.39 6.12
CA TRP A 52 -10.58 -29.60 6.77
C TRP A 52 -11.49 -30.38 5.83
N SER A 53 -12.45 -31.08 6.42
CA SER A 53 -13.39 -31.90 5.64
C SER A 53 -14.78 -31.31 5.58
N ASP A 54 -15.09 -30.36 6.44
CA ASP A 54 -16.39 -29.71 6.45
C ASP A 54 -16.53 -28.85 5.19
N ILE A 55 -17.56 -28.02 5.17
CA ILE A 55 -17.67 -26.96 4.18
C ILE A 55 -17.41 -25.66 4.91
N TRP A 56 -16.23 -25.08 4.69
CA TRP A 56 -15.92 -23.80 5.32
C TRP A 56 -16.82 -22.71 4.75
N ASN A 57 -17.50 -22.00 5.64
CA ASN A 57 -18.44 -20.96 5.24
C ASN A 57 -17.66 -19.66 5.06
N ALA A 58 -17.40 -19.31 3.80
CA ALA A 58 -16.72 -18.07 3.45
C ALA A 58 -17.75 -17.04 3.00
N THR A 59 -18.57 -16.62 3.96
CA THR A 59 -19.70 -15.75 3.67
C THR A 59 -19.66 -14.45 4.45
N LYS A 60 -18.54 -14.14 5.09
CA LYS A 60 -18.36 -12.86 5.74
C LYS A 60 -16.87 -12.61 5.91
N TYR A 61 -16.50 -11.34 5.88
CA TYR A 61 -15.12 -10.98 6.14
C TYR A 61 -14.67 -11.56 7.46
N ALA A 62 -13.40 -11.94 7.53
CA ALA A 62 -12.87 -12.52 8.75
C ALA A 62 -12.31 -11.40 9.64
N ASN A 63 -11.78 -11.80 10.80
CA ASN A 63 -11.04 -10.89 11.66
C ASN A 63 -9.94 -10.15 10.89
N SER A 64 -9.81 -8.85 11.17
CA SER A 64 -8.64 -8.07 10.78
C SER A 64 -7.52 -8.28 11.79
N CYS A 65 -6.28 -8.05 11.37
CA CYS A 65 -5.16 -8.30 12.26
C CYS A 65 -5.06 -7.20 13.32
N CYS A 66 -4.50 -7.57 14.48
CA CYS A 66 -4.35 -6.60 15.57
C CYS A 66 -3.59 -5.38 15.11
N GLN A 67 -3.98 -4.22 15.63
CA GLN A 67 -3.42 -2.96 15.18
C GLN A 67 -3.94 -1.81 16.05
N ASN A 68 -3.20 -0.73 16.14
CA ASN A 68 -3.76 0.46 16.77
C ASN A 68 -4.67 1.18 15.78
N ILE A 69 -5.69 1.81 16.31
CA ILE A 69 -6.71 2.50 15.54
C ILE A 69 -6.35 3.97 15.47
N ASP A 70 -6.55 4.57 14.29
CA ASP A 70 -6.56 6.02 14.19
C ASP A 70 -7.71 6.59 15.01
N GLN A 71 -7.41 7.24 16.14
CA GLN A 71 -8.43 7.90 16.94
C GLN A 71 -8.34 9.42 16.87
N SER A 72 -7.55 9.95 15.93
CA SER A 72 -7.35 11.40 15.86
C SER A 72 -8.60 12.18 15.48
N PHE A 73 -9.57 11.58 14.79
CA PHE A 73 -10.80 12.29 14.42
C PHE A 73 -12.01 11.39 14.61
N PRO A 74 -12.36 11.08 15.85
CA PRO A 74 -13.52 10.21 16.10
C PRO A 74 -14.77 10.75 15.41
N GLY A 75 -15.53 9.84 14.79
CA GLY A 75 -16.76 10.20 14.12
C GLY A 75 -16.58 10.80 12.74
N PHE A 76 -15.36 11.10 12.32
CA PHE A 76 -15.11 11.73 11.03
C PHE A 76 -14.87 10.65 9.99
N HIS A 77 -15.72 10.64 8.95
CA HIS A 77 -15.60 9.60 7.92
C HIS A 77 -14.26 9.64 7.20
N GLY A 78 -13.61 10.81 7.14
CA GLY A 78 -12.37 10.93 6.40
C GLY A 78 -11.26 10.04 6.95
N SER A 79 -11.24 9.87 8.27
CA SER A 79 -10.28 8.98 8.93
C SER A 79 -10.87 7.61 9.23
N GLU A 80 -12.12 7.55 9.68
CA GLU A 80 -12.62 6.26 10.15
C GLU A 80 -12.93 5.31 9.00
N MET A 81 -13.01 5.81 7.77
CA MET A 81 -13.13 4.91 6.63
C MET A 81 -11.89 4.05 6.44
N TRP A 82 -10.77 4.37 7.08
CA TRP A 82 -9.56 3.56 7.00
C TRP A 82 -9.41 2.63 8.19
N ASN A 83 -10.18 2.83 9.24
CA ASN A 83 -10.10 1.99 10.41
C ASN A 83 -10.70 0.61 10.10
N PRO A 84 -10.25 -0.42 10.80
CA PRO A 84 -10.78 -1.77 10.55
C PRO A 84 -12.28 -1.83 10.80
N ASN A 85 -12.97 -2.64 10.01
CA ASN A 85 -14.41 -2.82 10.11
C ASN A 85 -14.78 -4.26 10.46
N THR A 86 -13.83 -5.04 10.97
CA THR A 86 -14.13 -6.34 11.57
C THR A 86 -13.30 -6.45 12.84
N ASP A 87 -13.69 -7.37 13.72
CA ASP A 87 -12.95 -7.65 14.96
C ASP A 87 -11.46 -7.81 14.71
N LEU A 88 -10.66 -7.17 15.57
CA LEU A 88 -9.22 -7.38 15.56
C LEU A 88 -8.92 -8.70 16.25
N SER A 89 -7.96 -9.44 15.72
CA SER A 89 -7.59 -10.70 16.34
C SER A 89 -6.25 -11.13 15.77
N GLU A 90 -5.48 -11.87 16.56
CA GLU A 90 -4.30 -12.51 15.98
C GLU A 90 -4.69 -13.57 14.95
N ASP A 91 -5.90 -14.12 15.09
CA ASP A 91 -6.44 -15.08 14.14
C ASP A 91 -7.02 -14.28 12.97
N CYS A 92 -6.14 -13.92 12.02
CA CYS A 92 -6.53 -13.01 10.95
C CYS A 92 -5.94 -13.38 9.58
N LEU A 93 -5.31 -14.54 9.43
CA LEU A 93 -4.69 -14.90 8.15
C LEU A 93 -5.78 -15.51 7.26
N TYR A 94 -6.53 -14.62 6.59
CA TYR A 94 -7.64 -14.98 5.73
C TYR A 94 -7.56 -14.16 4.46
N LEU A 95 -8.21 -14.65 3.40
CA LEU A 95 -8.27 -13.92 2.15
C LEU A 95 -9.69 -13.95 1.60
N ASN A 96 -9.91 -13.14 0.55
CA ASN A 96 -11.21 -12.93 -0.08
C ASN A 96 -11.08 -13.15 -1.57
N VAL A 97 -12.13 -13.72 -2.18
CA VAL A 97 -12.12 -14.03 -3.60
C VAL A 97 -13.46 -13.56 -4.18
N TRP A 98 -13.40 -12.70 -5.19
CA TRP A 98 -14.58 -12.32 -5.95
C TRP A 98 -14.44 -12.93 -7.33
N ILE A 99 -15.40 -13.78 -7.71
CA ILE A 99 -15.37 -14.35 -9.05
C ILE A 99 -16.60 -13.90 -9.83
N PRO A 100 -16.44 -13.57 -11.12
CA PRO A 100 -17.60 -13.23 -11.94
C PRO A 100 -18.59 -14.38 -11.98
N ALA A 101 -19.85 -14.02 -12.24
CA ALA A 101 -20.89 -14.97 -12.53
C ALA A 101 -21.49 -14.64 -13.88
N PRO A 102 -21.59 -15.61 -14.79
CA PRO A 102 -21.24 -17.03 -14.64
C PRO A 102 -19.73 -17.21 -14.46
N LYS A 103 -19.36 -18.23 -13.68
CA LYS A 103 -17.99 -18.59 -13.38
C LYS A 103 -17.11 -18.52 -14.64
N PRO A 104 -16.01 -17.78 -14.61
CA PRO A 104 -15.16 -17.67 -15.79
C PRO A 104 -14.37 -18.94 -16.02
N LYS A 105 -13.76 -19.02 -17.19
CA LYS A 105 -13.02 -20.22 -17.54
C LYS A 105 -11.52 -20.10 -17.33
N ASN A 106 -10.97 -18.90 -17.44
CA ASN A 106 -9.54 -18.70 -17.27
C ASN A 106 -9.23 -17.23 -17.00
N ALA A 107 -9.85 -16.68 -15.96
CA ALA A 107 -9.82 -15.24 -15.76
C ALA A 107 -8.47 -14.80 -15.21
N THR A 108 -8.03 -13.63 -15.65
CA THR A 108 -6.88 -12.98 -15.04
C THR A 108 -7.20 -12.60 -13.60
N VAL A 109 -6.20 -12.75 -12.72
CA VAL A 109 -6.41 -12.56 -11.29
C VAL A 109 -5.73 -11.27 -10.85
N LEU A 110 -6.44 -10.46 -10.06
N LEU A 110 -6.45 -10.45 -10.08
CA LEU A 110 -5.92 -9.23 -9.47
CA LEU A 110 -5.89 -9.25 -9.49
C LEU A 110 -5.87 -9.40 -7.96
C LEU A 110 -5.85 -9.45 -7.98
N ILE A 111 -4.67 -9.32 -7.39
CA ILE A 111 -4.47 -9.54 -5.96
C ILE A 111 -4.13 -8.22 -5.30
N TRP A 112 -5.02 -7.76 -4.42
CA TRP A 112 -4.87 -6.49 -3.75
C TRP A 112 -4.10 -6.65 -2.45
N ILE A 113 -3.15 -5.75 -2.21
CA ILE A 113 -2.39 -5.71 -0.97
C ILE A 113 -2.62 -4.33 -0.37
N TYR A 114 -3.34 -4.26 0.77
CA TYR A 114 -3.67 -2.96 1.33
C TYR A 114 -2.45 -2.30 1.95
N GLY A 115 -2.56 -0.97 2.11
CA GLY A 115 -1.58 -0.18 2.82
C GLY A 115 -2.05 0.20 4.20
N GLY A 116 -1.23 0.99 4.86
CA GLY A 116 -1.48 1.37 6.24
C GLY A 116 -0.18 1.55 7.00
N GLY A 117 0.87 1.94 6.30
CA GLY A 117 2.15 2.16 6.95
C GLY A 117 2.77 0.91 7.54
N PHE A 118 2.35 -0.28 7.11
CA PHE A 118 2.72 -1.55 7.70
C PHE A 118 2.32 -1.66 9.17
N GLN A 119 1.53 -0.73 9.70
CA GLN A 119 1.05 -0.83 11.08
C GLN A 119 -0.45 -1.09 11.17
N THR A 120 -1.20 -0.80 10.11
CA THR A 120 -2.66 -0.82 10.11
C THR A 120 -3.13 -1.37 8.76
N GLY A 121 -4.45 -1.56 8.64
CA GLY A 121 -5.04 -1.92 7.38
C GLY A 121 -5.80 -3.22 7.43
N THR A 122 -6.70 -3.43 6.48
CA THR A 122 -7.44 -4.68 6.44
C THR A 122 -8.06 -4.80 5.05
N SER A 123 -8.23 -6.03 4.60
CA SER A 123 -8.76 -6.25 3.26
C SER A 123 -10.27 -6.06 3.21
N SER A 124 -10.93 -5.88 4.34
CA SER A 124 -12.38 -5.79 4.33
C SER A 124 -12.90 -4.36 4.20
N LEU A 125 -12.04 -3.35 4.02
CA LEU A 125 -12.52 -1.98 3.89
C LEU A 125 -13.43 -1.83 2.68
N HIS A 126 -14.39 -0.91 2.81
CA HIS A 126 -15.39 -0.69 1.78
C HIS A 126 -14.76 -0.28 0.47
N VAL A 127 -13.68 0.51 0.52
CA VAL A 127 -13.03 0.94 -0.71
C VAL A 127 -12.19 -0.16 -1.34
N TYR A 128 -12.05 -1.31 -0.70
CA TYR A 128 -11.34 -2.45 -1.29
C TYR A 128 -12.29 -3.52 -1.80
N ASP A 129 -13.58 -3.23 -1.93
CA ASP A 129 -14.55 -4.26 -2.29
C ASP A 129 -14.36 -4.63 -3.75
N GLY A 130 -13.93 -5.86 -4.02
CA GLY A 130 -13.61 -6.28 -5.36
C GLY A 130 -14.77 -6.67 -6.25
N LYS A 131 -16.01 -6.59 -5.76
CA LYS A 131 -17.13 -7.11 -6.54
C LYS A 131 -17.34 -6.32 -7.84
N PHE A 132 -17.00 -5.03 -7.86
CA PHE A 132 -17.21 -4.26 -9.07
C PHE A 132 -16.23 -4.67 -10.16
N LEU A 133 -14.96 -4.89 -9.79
CA LEU A 133 -13.98 -5.32 -10.78
C LEU A 133 -14.36 -6.68 -11.36
N ALA A 134 -14.85 -7.59 -10.51
CA ALA A 134 -15.28 -8.89 -11.01
C ALA A 134 -16.46 -8.74 -11.95
N ARG A 135 -17.44 -7.93 -11.57
CA ARG A 135 -18.60 -7.69 -12.41
C ARG A 135 -18.21 -7.01 -13.73
N VAL A 136 -17.50 -5.88 -13.64
CA VAL A 136 -17.33 -5.04 -14.82
C VAL A 136 -16.28 -5.62 -15.77
N GLU A 137 -15.17 -6.15 -15.25
CA GLU A 137 -14.09 -6.60 -16.11
C GLU A 137 -13.93 -8.11 -16.18
N ARG A 138 -14.73 -8.86 -15.44
CA ARG A 138 -14.65 -10.32 -15.42
C ARG A 138 -13.25 -10.79 -15.08
N VAL A 139 -12.58 -10.08 -14.18
CA VAL A 139 -11.37 -10.57 -13.57
C VAL A 139 -11.77 -11.15 -12.23
N ILE A 140 -10.91 -11.99 -11.69
CA ILE A 140 -11.07 -12.43 -10.31
C ILE A 140 -10.24 -11.51 -9.44
N VAL A 141 -10.81 -11.07 -8.32
CA VAL A 141 -10.12 -10.20 -7.38
C VAL A 141 -9.87 -10.99 -6.10
N VAL A 142 -8.64 -10.96 -5.62
CA VAL A 142 -8.27 -11.60 -4.36
C VAL A 142 -7.66 -10.52 -3.47
N SER A 143 -7.98 -10.57 -2.17
CA SER A 143 -7.28 -9.75 -1.19
C SER A 143 -7.05 -10.58 0.07
N MET A 144 -6.00 -10.25 0.82
CA MET A 144 -5.68 -11.00 2.01
C MET A 144 -5.41 -10.05 3.16
N ASN A 145 -5.65 -10.53 4.38
CA ASN A 145 -5.12 -9.86 5.57
C ASN A 145 -3.73 -10.39 5.85
N TYR A 146 -2.81 -9.49 6.18
CA TYR A 146 -1.46 -9.88 6.58
C TYR A 146 -1.13 -9.15 7.85
N ARG A 147 -0.26 -9.73 8.67
CA ARG A 147 0.06 -9.16 9.97
C ARG A 147 0.79 -7.83 9.83
N VAL A 148 0.44 -6.89 10.70
CA VAL A 148 1.02 -5.54 10.66
C VAL A 148 1.62 -5.24 12.03
N GLY A 149 2.37 -4.14 12.10
CA GLY A 149 3.01 -3.76 13.33
C GLY A 149 4.06 -4.77 13.77
N ALA A 150 4.36 -4.75 15.07
CA ALA A 150 5.32 -5.67 15.65
C ALA A 150 4.91 -7.13 15.44
N LEU A 151 3.59 -7.42 15.40
CA LEU A 151 3.18 -8.80 15.20
C LEU A 151 3.50 -9.29 13.81
N GLY A 152 3.65 -8.38 12.86
CA GLY A 152 4.01 -8.77 11.51
C GLY A 152 5.45 -8.50 11.13
N PHE A 153 6.17 -7.67 11.90
CA PHE A 153 7.45 -7.18 11.42
C PHE A 153 8.50 -7.03 12.52
N LEU A 154 8.22 -7.52 13.72
CA LEU A 154 9.27 -7.66 14.72
C LEU A 154 10.44 -8.45 14.15
N ALA A 155 11.66 -7.99 14.40
CA ALA A 155 12.82 -8.56 13.72
C ALA A 155 13.95 -8.81 14.71
N LEU A 156 14.41 -10.07 14.76
CA LEU A 156 15.71 -10.48 15.27
C LEU A 156 16.37 -11.24 14.12
N PRO A 157 17.15 -10.58 13.29
CA PRO A 157 17.54 -11.16 11.99
C PRO A 157 18.27 -12.48 12.16
N GLY A 158 17.81 -13.49 11.43
CA GLY A 158 18.36 -14.82 11.49
C GLY A 158 17.72 -15.72 12.53
N ASN A 159 16.92 -15.17 13.44
CA ASN A 159 16.28 -15.95 14.49
C ASN A 159 14.88 -16.31 14.02
N PRO A 160 14.57 -17.60 13.80
CA PRO A 160 13.24 -17.94 13.28
C PRO A 160 12.10 -17.72 14.27
N GLU A 161 12.40 -17.40 15.52
CA GLU A 161 11.33 -17.10 16.47
C GLU A 161 10.69 -15.75 16.21
N ALA A 162 11.40 -14.87 15.52
CA ALA A 162 10.95 -13.53 15.16
C ALA A 162 11.88 -13.02 14.07
N PRO A 163 11.80 -13.56 12.85
CA PRO A 163 12.84 -13.28 11.86
C PRO A 163 12.67 -11.96 11.12
N GLY A 164 11.53 -11.29 11.28
CA GLY A 164 11.20 -10.14 10.47
C GLY A 164 10.41 -10.54 9.25
N ASN A 165 9.69 -9.54 8.69
CA ASN A 165 8.99 -9.69 7.41
C ASN A 165 7.90 -10.74 7.43
N MET A 166 7.41 -11.11 8.61
CA MET A 166 6.35 -12.11 8.68
C MET A 166 5.12 -11.67 7.90
N GLY A 167 4.74 -10.40 8.01
CA GLY A 167 3.60 -9.92 7.24
C GLY A 167 3.83 -9.97 5.74
N LEU A 168 5.09 -9.87 5.32
CA LEU A 168 5.39 -10.08 3.90
C LEU A 168 5.30 -11.55 3.54
N PHE A 169 5.70 -12.43 4.46
CA PHE A 169 5.50 -13.86 4.21
C PHE A 169 4.03 -14.25 4.24
N ASP A 170 3.21 -13.59 5.08
CA ASP A 170 1.77 -13.80 5.00
C ASP A 170 1.26 -13.51 3.59
N GLN A 171 1.59 -12.31 3.06
CA GLN A 171 1.22 -11.99 1.69
C GLN A 171 1.70 -13.06 0.72
N GLN A 172 2.91 -13.56 0.94
CA GLN A 172 3.48 -14.51 -0.02
C GLN A 172 2.75 -15.85 0.06
N LEU A 173 2.44 -16.29 1.28
CA LEU A 173 1.68 -17.53 1.40
C LEU A 173 0.30 -17.38 0.77
N ALA A 174 -0.24 -16.16 0.80
CA ALA A 174 -1.50 -15.91 0.11
C ALA A 174 -1.34 -16.01 -1.41
N LEU A 175 -0.27 -15.43 -1.97
CA LEU A 175 -0.03 -15.60 -3.41
C LEU A 175 0.14 -17.08 -3.74
N GLN A 176 0.79 -17.83 -2.85
CA GLN A 176 0.94 -19.26 -3.02
C GLN A 176 -0.41 -19.97 -3.05
N TRP A 177 -1.34 -19.52 -2.20
CA TRP A 177 -2.68 -20.12 -2.19
C TRP A 177 -3.38 -19.91 -3.53
N VAL A 178 -3.24 -18.71 -4.11
CA VAL A 178 -3.84 -18.45 -5.42
C VAL A 178 -3.24 -19.37 -6.47
N GLN A 179 -1.92 -19.57 -6.45
CA GLN A 179 -1.30 -20.47 -7.42
C GLN A 179 -1.87 -21.88 -7.31
N LYS A 180 -2.06 -22.37 -6.09
CA LYS A 180 -2.52 -23.75 -5.93
C LYS A 180 -4.02 -23.91 -6.10
N ASN A 181 -4.80 -22.83 -5.98
CA ASN A 181 -6.23 -22.97 -5.80
C ASN A 181 -7.08 -22.19 -6.79
N ILE A 182 -6.54 -21.14 -7.44
CA ILE A 182 -7.44 -20.24 -8.12
C ILE A 182 -8.02 -20.85 -9.40
N ALA A 183 -7.36 -21.86 -9.97
CA ALA A 183 -7.95 -22.53 -11.14
C ALA A 183 -9.26 -23.22 -10.78
N ALA A 184 -9.38 -23.71 -9.55
CA ALA A 184 -10.64 -24.29 -9.11
C ALA A 184 -11.77 -23.27 -9.11
N PHE A 185 -11.43 -21.98 -9.10
CA PHE A 185 -12.37 -20.87 -9.09
C PHE A 185 -12.59 -20.27 -10.48
N GLY A 186 -11.97 -20.83 -11.51
CA GLY A 186 -12.02 -20.23 -12.84
C GLY A 186 -10.91 -19.25 -13.13
N GLY A 187 -9.91 -19.15 -12.26
CA GLY A 187 -8.83 -18.21 -12.42
C GLY A 187 -7.63 -18.84 -13.10
N ASN A 188 -6.81 -18.00 -13.71
CA ASN A 188 -5.60 -18.41 -14.39
C ASN A 188 -4.39 -18.09 -13.51
N PRO A 189 -3.78 -19.08 -12.84
CA PRO A 189 -2.60 -18.80 -12.03
C PRO A 189 -1.43 -18.24 -12.83
N LYS A 190 -1.43 -18.36 -14.14
CA LYS A 190 -0.38 -17.79 -14.96
C LYS A 190 -0.64 -16.33 -15.36
N SER A 191 -1.73 -15.72 -14.86
CA SER A 191 -2.05 -14.33 -15.17
C SER A 191 -2.51 -13.64 -13.88
N VAL A 192 -1.55 -13.37 -12.99
CA VAL A 192 -1.79 -12.77 -11.70
C VAL A 192 -1.10 -11.42 -11.65
N THR A 193 -1.86 -10.36 -11.46
CA THR A 193 -1.31 -9.03 -11.24
C THR A 193 -1.48 -8.66 -9.77
N LEU A 194 -0.37 -8.29 -9.12
CA LEU A 194 -0.43 -7.72 -7.79
C LEU A 194 -0.71 -6.23 -7.91
N PHE A 195 -1.59 -5.71 -7.05
CA PHE A 195 -1.71 -4.26 -6.96
C PHE A 195 -1.93 -3.87 -5.51
N GLY A 196 -1.42 -2.70 -5.16
CA GLY A 196 -1.47 -2.22 -3.79
C GLY A 196 -1.27 -0.73 -3.76
N GLU A 197 -1.67 -0.13 -2.65
CA GLU A 197 -1.50 1.30 -2.46
C GLU A 197 -0.70 1.52 -1.17
N SER A 198 0.23 2.47 -1.23
CA SER A 198 1.01 2.94 -0.08
C SER A 198 1.90 1.80 0.42
N ALA A 199 1.79 1.38 1.70
CA ALA A 199 2.59 0.23 2.14
C ALA A 199 2.26 -1.00 1.33
N GLY A 200 1.03 -1.09 0.80
CA GLY A 200 0.70 -2.18 -0.08
C GLY A 200 1.47 -2.12 -1.36
N ALA A 201 1.69 -0.91 -1.88
CA ALA A 201 2.52 -0.73 -3.07
C ALA A 201 3.99 -1.01 -2.77
N ALA A 202 4.48 -0.52 -1.61
CA ALA A 202 5.84 -0.89 -1.22
C ALA A 202 5.98 -2.40 -1.11
N SER A 203 4.94 -3.08 -0.58
CA SER A 203 4.95 -4.55 -0.50
C SER A 203 5.00 -5.16 -1.90
N VAL A 204 4.18 -4.65 -2.81
CA VAL A 204 4.23 -5.15 -4.18
C VAL A 204 5.64 -5.03 -4.73
N SER A 205 6.30 -3.90 -4.49
CA SER A 205 7.62 -3.73 -5.11
C SER A 205 8.64 -4.68 -4.47
N LEU A 206 8.44 -5.04 -3.21
CA LEU A 206 9.32 -6.00 -2.55
C LEU A 206 9.09 -7.42 -3.05
N HIS A 207 7.85 -7.75 -3.44
CA HIS A 207 7.63 -9.03 -4.11
C HIS A 207 8.35 -9.08 -5.46
N LEU A 208 8.51 -7.94 -6.14
CA LEU A 208 9.33 -7.91 -7.34
C LEU A 208 10.79 -8.25 -7.05
N LEU A 209 11.26 -7.94 -5.83
CA LEU A 209 12.63 -8.24 -5.45
C LEU A 209 12.81 -9.61 -4.83
N SER A 210 11.76 -10.23 -4.32
CA SER A 210 11.92 -11.44 -3.51
C SER A 210 11.93 -12.67 -4.40
N PRO A 211 13.00 -13.45 -4.40
CA PRO A 211 13.04 -14.63 -5.28
C PRO A 211 11.96 -15.64 -4.94
N GLY A 212 11.53 -15.71 -3.67
CA GLY A 212 10.45 -16.62 -3.33
C GLY A 212 9.09 -16.21 -3.90
N SER A 213 8.95 -14.97 -4.34
CA SER A 213 7.69 -14.54 -4.96
C SER A 213 7.73 -14.54 -6.48
N HIS A 214 8.91 -14.71 -7.09
N HIS A 214 8.89 -14.75 -7.10
CA HIS A 214 9.08 -14.53 -8.52
CA HIS A 214 9.01 -14.46 -8.53
C HIS A 214 8.02 -15.31 -9.30
C HIS A 214 8.10 -15.35 -9.39
N SER A 215 7.77 -16.55 -8.92
CA SER A 215 6.91 -17.44 -9.68
C SER A 215 5.45 -17.37 -9.25
N LEU A 216 5.09 -16.44 -8.36
CA LEU A 216 3.75 -16.40 -7.82
C LEU A 216 2.91 -15.29 -8.41
N PHE A 217 3.45 -14.51 -9.34
CA PHE A 217 2.66 -13.48 -10.00
C PHE A 217 3.31 -13.15 -11.33
N THR A 218 2.55 -12.44 -12.17
CA THR A 218 2.93 -12.04 -13.50
C THR A 218 3.37 -10.57 -13.58
N ARG A 219 2.55 -9.65 -13.07
CA ARG A 219 2.78 -8.22 -13.25
C ARG A 219 2.45 -7.47 -11.97
N ALA A 220 2.74 -6.17 -11.98
CA ALA A 220 2.64 -5.40 -10.75
C ALA A 220 2.17 -3.99 -11.02
N ILE A 221 1.31 -3.50 -10.12
CA ILE A 221 0.78 -2.14 -10.12
C ILE A 221 1.11 -1.54 -8.76
N LEU A 222 1.70 -0.34 -8.75
CA LEU A 222 2.13 0.28 -7.49
C LEU A 222 1.52 1.66 -7.39
N GLN A 223 0.56 1.81 -6.48
CA GLN A 223 -0.16 3.08 -6.29
C GLN A 223 0.39 3.79 -5.05
N SER A 224 1.03 4.95 -5.26
CA SER A 224 1.56 5.78 -4.17
C SER A 224 2.44 5.01 -3.20
N GLY A 225 3.41 4.26 -3.72
CA GLY A 225 4.33 3.59 -2.82
C GLY A 225 5.35 2.72 -3.52
N SER A 226 6.51 2.52 -2.89
CA SER A 226 7.57 1.65 -3.39
C SER A 226 8.59 1.49 -2.28
N PHE A 227 9.39 0.42 -2.36
CA PHE A 227 10.25 0.08 -1.23
C PHE A 227 11.32 1.13 -0.97
N ASN A 228 11.68 1.93 -1.97
CA ASN A 228 12.71 2.94 -1.78
C ASN A 228 12.16 4.21 -1.16
N ALA A 229 10.87 4.27 -0.87
CA ALA A 229 10.37 5.37 -0.06
C ALA A 229 11.05 5.38 1.30
N PRO A 230 11.35 6.55 1.87
CA PRO A 230 12.17 6.56 3.11
C PRO A 230 11.50 5.86 4.29
N TRP A 231 10.18 5.72 4.31
CA TRP A 231 9.46 5.05 5.39
C TRP A 231 9.34 3.54 5.18
N ALA A 232 9.76 3.00 4.03
CA ALA A 232 9.30 1.65 3.67
C ALA A 232 10.16 0.52 4.24
N VAL A 233 11.45 0.73 4.47
CA VAL A 233 12.32 -0.35 4.89
C VAL A 233 13.07 0.06 6.15
N THR A 234 12.94 -0.73 7.19
CA THR A 234 13.66 -0.51 8.44
C THR A 234 15.04 -1.17 8.35
N SER A 235 16.08 -0.43 8.70
CA SER A 235 17.42 -0.98 8.67
C SER A 235 17.70 -1.87 9.88
N LEU A 236 18.75 -2.67 9.76
CA LEU A 236 19.14 -3.59 10.83
C LEU A 236 19.37 -2.87 12.16
N TYR A 237 20.02 -1.71 12.13
CA TYR A 237 20.26 -0.95 13.37
C TYR A 237 18.94 -0.55 14.03
N GLU A 238 18.01 0.03 13.28
CA GLU A 238 16.76 0.45 13.91
C GLU A 238 15.95 -0.75 14.39
N ALA A 239 15.85 -1.78 13.56
CA ALA A 239 15.01 -2.93 13.92
C ALA A 239 15.49 -3.55 15.23
N ARG A 240 16.80 -3.64 15.43
CA ARG A 240 17.33 -4.13 16.70
C ARG A 240 16.96 -3.20 17.85
N ASN A 241 17.27 -1.90 17.72
CA ASN A 241 16.98 -0.96 18.80
C ASN A 241 15.50 -0.98 19.16
N ARG A 242 14.64 -1.16 18.14
CA ARG A 242 13.19 -1.15 18.36
C ARG A 242 12.70 -2.45 18.99
N THR A 243 13.28 -3.59 18.58
CA THR A 243 12.96 -4.85 19.26
C THR A 243 13.37 -4.79 20.72
N LEU A 244 14.57 -4.28 21.00
CA LEU A 244 15.02 -4.20 22.39
C LEU A 244 14.18 -3.21 23.19
N ASN A 245 13.79 -2.09 22.57
CA ASN A 245 13.00 -1.11 23.29
C ASN A 245 11.62 -1.65 23.62
N LEU A 246 11.02 -2.40 22.68
CA LEU A 246 9.77 -3.11 22.97
C LEU A 246 9.95 -4.09 24.13
N ALA A 247 11.06 -4.84 24.12
CA ALA A 247 11.34 -5.74 25.23
C ALA A 247 11.38 -4.97 26.54
N LYS A 248 12.14 -3.88 26.60
CA LYS A 248 12.24 -3.13 27.85
C LYS A 248 10.88 -2.56 28.26
N LEU A 249 10.15 -1.95 27.32
CA LEU A 249 8.86 -1.35 27.65
C LEU A 249 7.88 -2.38 28.21
N THR A 250 7.97 -3.62 27.74
CA THR A 250 7.09 -4.66 28.23
C THR A 250 7.69 -5.48 29.36
N GLY A 251 8.97 -5.24 29.73
CA GLY A 251 9.55 -6.04 30.80
C GLY A 251 10.09 -7.38 30.35
N CYS A 252 10.33 -7.53 29.04
CA CYS A 252 10.83 -8.77 28.46
C CYS A 252 12.31 -8.71 28.14
N SER A 253 13.03 -7.70 28.62
CA SER A 253 14.47 -7.65 28.38
C SER A 253 15.13 -8.88 28.99
N ARG A 254 15.80 -9.66 28.15
CA ARG A 254 16.59 -10.83 28.53
C ARG A 254 17.93 -10.74 27.82
N GLU A 255 18.83 -11.68 28.12
CA GLU A 255 20.06 -11.76 27.34
C GLU A 255 19.95 -12.78 26.21
N ASN A 256 19.37 -13.95 26.49
CA ASN A 256 19.00 -14.90 25.43
C ASN A 256 17.86 -14.30 24.62
N GLU A 257 18.14 -13.93 23.37
CA GLU A 257 17.13 -13.29 22.53
C GLU A 257 15.91 -14.18 22.30
N THR A 258 16.11 -15.51 22.24
CA THR A 258 14.98 -16.40 22.09
C THR A 258 14.07 -16.35 23.31
N GLU A 259 14.65 -16.11 24.49
CA GLU A 259 13.83 -15.95 25.70
C GLU A 259 13.07 -14.63 25.70
N ILE A 260 13.61 -13.58 25.08
CA ILE A 260 12.84 -12.35 24.91
C ILE A 260 11.56 -12.63 24.13
N ILE A 261 11.67 -13.40 23.05
CA ILE A 261 10.51 -13.69 22.22
C ILE A 261 9.50 -14.54 22.97
N LYS A 262 9.98 -15.55 23.70
CA LYS A 262 9.07 -16.34 24.53
C LYS A 262 8.30 -15.44 25.50
N CYS A 263 9.03 -14.51 26.15
CA CYS A 263 8.38 -13.58 27.06
C CYS A 263 7.35 -12.72 26.35
N LEU A 264 7.71 -12.18 25.18
CA LEU A 264 6.75 -11.39 24.41
C LEU A 264 5.56 -12.22 23.96
N ARG A 265 5.72 -13.53 23.83
CA ARG A 265 4.62 -14.39 23.44
C ARG A 265 3.56 -14.52 24.52
N ASN A 266 3.90 -14.29 25.78
CA ASN A 266 2.90 -14.36 26.84
C ASN A 266 2.15 -13.05 27.02
N LYS A 267 2.65 -11.96 26.45
CA LYS A 267 1.97 -10.68 26.53
C LYS A 267 0.68 -10.70 25.73
N ASP A 268 -0.38 -10.12 26.29
CA ASP A 268 -1.61 -9.93 25.53
C ASP A 268 -1.33 -9.03 24.33
N PRO A 269 -2.02 -9.26 23.20
CA PRO A 269 -1.79 -8.39 22.04
C PRO A 269 -1.93 -6.91 22.40
N GLN A 270 -2.88 -6.55 23.25
CA GLN A 270 -3.01 -5.13 23.57
C GLN A 270 -1.71 -4.57 24.14
N GLU A 271 -1.11 -5.22 25.14
CA GLU A 271 0.13 -4.70 25.74
C GLU A 271 1.21 -4.48 24.69
N ILE A 272 1.35 -5.39 23.71
CA ILE A 272 2.33 -5.14 22.66
C ILE A 272 1.95 -3.90 21.87
N LEU A 273 0.66 -3.74 21.54
CA LEU A 273 0.24 -2.63 20.68
C LEU A 273 0.49 -1.27 21.33
N LEU A 274 0.27 -1.16 22.66
CA LEU A 274 0.39 0.14 23.31
C LEU A 274 1.83 0.60 23.42
N ASN A 275 2.78 -0.31 23.45
CA ASN A 275 4.18 0.07 23.54
C ASN A 275 4.83 0.25 22.18
N GLU A 276 4.17 -0.21 21.11
CA GLU A 276 4.71 -0.06 19.76
C GLU A 276 5.03 1.40 19.45
N ALA A 277 4.22 2.33 19.96
CA ALA A 277 4.37 3.73 19.56
C ALA A 277 5.67 4.32 20.07
N PHE A 278 6.16 3.84 21.22
CA PHE A 278 7.26 4.48 21.93
C PHE A 278 8.61 3.83 21.68
N VAL A 279 8.72 2.84 20.77
CA VAL A 279 10.04 2.28 20.54
C VAL A 279 10.95 3.24 19.78
N VAL A 280 10.38 4.31 19.21
CA VAL A 280 11.14 5.36 18.57
C VAL A 280 11.14 6.57 19.48
N PRO A 281 12.27 7.27 19.67
CA PRO A 281 12.24 8.46 20.54
C PRO A 281 11.54 9.65 19.90
N TYR A 282 11.69 9.82 18.58
CA TYR A 282 11.08 10.92 17.84
C TYR A 282 10.25 10.33 16.72
N GLY A 283 8.95 10.24 16.92
CA GLY A 283 8.08 9.80 15.85
C GLY A 283 7.63 10.95 14.96
N THR A 284 7.04 10.58 13.84
CA THR A 284 6.45 11.53 12.91
C THR A 284 5.12 10.92 12.46
N PRO A 285 4.26 11.69 11.77
CA PRO A 285 3.05 11.07 11.20
C PRO A 285 3.34 9.98 10.22
N LEU A 286 4.57 9.90 9.70
CA LEU A 286 4.92 8.86 8.74
C LEU A 286 5.75 7.75 9.37
N SER A 287 5.89 7.73 10.69
CA SER A 287 6.69 6.68 11.32
C SER A 287 6.17 5.30 10.96
N VAL A 288 7.10 4.40 10.71
CA VAL A 288 6.83 2.99 10.48
C VAL A 288 7.69 2.26 11.50
N ASN A 289 7.14 2.07 12.69
CA ASN A 289 7.94 1.55 13.79
C ASN A 289 8.45 0.15 13.50
N PHE A 290 7.61 -0.69 12.93
CA PHE A 290 7.95 -2.07 12.62
C PHE A 290 7.53 -2.31 11.18
N GLY A 291 8.49 -2.40 10.28
CA GLY A 291 8.19 -2.66 8.90
C GLY A 291 9.20 -3.61 8.27
N PRO A 292 9.20 -3.69 6.94
CA PRO A 292 10.12 -4.61 6.26
C PRO A 292 11.57 -4.37 6.65
N THR A 293 12.32 -5.46 6.77
CA THR A 293 13.75 -5.42 7.06
C THR A 293 14.47 -6.32 6.09
N VAL A 294 15.78 -6.13 5.98
CA VAL A 294 16.63 -7.08 5.26
C VAL A 294 16.83 -8.26 6.20
N ASP A 295 16.05 -9.33 5.98
CA ASP A 295 16.01 -10.50 6.85
C ASP A 295 16.88 -11.66 6.34
N GLY A 296 17.37 -11.61 5.10
CA GLY A 296 18.10 -12.72 4.55
C GLY A 296 17.24 -13.88 4.08
N ASP A 297 15.93 -13.70 4.05
CA ASP A 297 15.02 -14.74 3.62
C ASP A 297 14.12 -14.17 2.53
N PHE A 298 13.10 -13.40 2.93
CA PHE A 298 12.28 -12.71 1.95
C PHE A 298 13.10 -11.72 1.14
N LEU A 299 14.03 -11.04 1.80
CA LEU A 299 14.77 -9.93 1.21
C LEU A 299 16.25 -10.18 1.49
N THR A 300 17.00 -10.51 0.43
CA THR A 300 18.36 -11.02 0.58
C THR A 300 19.42 -9.93 0.78
N ASP A 301 19.11 -8.68 0.48
CA ASP A 301 20.10 -7.62 0.52
C ASP A 301 19.34 -6.30 0.61
N MET A 302 20.06 -5.22 0.83
CA MET A 302 19.40 -3.92 0.89
C MET A 302 18.73 -3.64 -0.43
N PRO A 303 17.42 -3.37 -0.45
CA PRO A 303 16.68 -3.38 -1.71
C PRO A 303 17.12 -2.29 -2.67
N ASP A 304 17.69 -1.18 -2.18
CA ASP A 304 18.23 -0.17 -3.09
C ASP A 304 19.37 -0.74 -3.94
N ILE A 305 20.18 -1.61 -3.35
CA ILE A 305 21.23 -2.27 -4.12
C ILE A 305 20.61 -3.18 -5.17
N LEU A 306 19.60 -3.96 -4.77
CA LEU A 306 18.96 -4.88 -5.71
C LEU A 306 18.35 -4.12 -6.88
N LEU A 307 17.67 -3.01 -6.59
CA LEU A 307 17.09 -2.18 -7.65
C LEU A 307 18.18 -1.65 -8.57
N GLU A 308 19.21 -1.02 -7.98
CA GLU A 308 20.26 -0.41 -8.79
C GLU A 308 20.92 -1.43 -9.70
N LEU A 309 21.09 -2.68 -9.23
CA LEU A 309 21.84 -3.69 -9.97
C LEU A 309 20.95 -4.64 -10.77
N GLY A 310 19.67 -4.31 -10.94
CA GLY A 310 18.84 -5.08 -11.84
C GLY A 310 18.47 -6.46 -11.34
N GLN A 311 18.45 -6.64 -10.02
CA GLN A 311 18.12 -7.93 -9.41
C GLN A 311 16.66 -7.90 -8.97
N PHE A 312 15.77 -8.07 -9.94
CA PHE A 312 14.35 -8.11 -9.66
C PHE A 312 13.66 -8.83 -10.80
N LYS A 313 12.39 -9.15 -10.58
CA LYS A 313 11.60 -9.86 -11.57
C LYS A 313 11.40 -8.97 -12.78
N LYS A 314 11.71 -9.49 -13.96
CA LYS A 314 11.57 -8.76 -15.21
C LYS A 314 10.13 -8.93 -15.70
N THR A 315 9.37 -7.84 -15.68
CA THR A 315 7.96 -7.87 -16.05
C THR A 315 7.54 -6.41 -16.22
N GLN A 316 6.27 -6.21 -16.57
CA GLN A 316 5.77 -4.86 -16.73
C GLN A 316 5.26 -4.31 -15.40
N ILE A 317 5.40 -3.00 -15.22
CA ILE A 317 4.87 -2.35 -14.03
C ILE A 317 4.04 -1.14 -14.42
N LEU A 318 3.02 -0.86 -13.62
CA LEU A 318 2.24 0.35 -13.68
C LEU A 318 2.42 1.07 -12.34
N VAL A 319 2.93 2.29 -12.39
CA VAL A 319 3.25 3.03 -11.18
C VAL A 319 2.56 4.38 -11.26
N GLY A 320 2.12 4.91 -10.12
CA GLY A 320 1.66 6.28 -10.16
C GLY A 320 1.52 6.86 -8.77
N VAL A 321 1.20 8.15 -8.73
CA VAL A 321 1.08 8.90 -7.48
C VAL A 321 -0.07 9.87 -7.64
N ASN A 322 -0.48 10.43 -6.52
CA ASN A 322 -1.53 11.42 -6.46
C ASN A 322 -0.91 12.80 -6.34
N LYS A 323 -1.66 13.80 -6.82
CA LYS A 323 -1.14 15.16 -6.90
C LYS A 323 -0.82 15.74 -5.52
N ASP A 324 -1.58 15.38 -4.50
CA ASP A 324 -1.32 15.93 -3.16
C ASP A 324 -1.04 14.83 -2.12
N GLU A 325 -0.05 13.98 -2.41
CA GLU A 325 0.31 12.88 -1.49
C GLU A 325 0.55 13.37 -0.06
N GLY A 326 1.12 14.57 0.10
CA GLY A 326 1.62 14.95 1.41
C GLY A 326 0.58 15.48 2.37
N THR A 327 -0.52 16.05 1.86
CA THR A 327 -1.36 16.88 2.73
C THR A 327 -2.02 16.08 3.85
N ALA A 328 -2.37 14.81 3.61
CA ALA A 328 -3.08 14.04 4.63
C ALA A 328 -2.30 13.97 5.94
N PHE A 329 -0.97 13.99 5.86
CA PHE A 329 -0.16 13.83 7.06
C PHE A 329 -0.01 15.13 7.84
N LEU A 330 -0.28 16.28 7.22
CA LEU A 330 -0.03 17.56 7.90
C LEU A 330 -0.95 17.76 9.09
N VAL A 331 -2.19 17.25 9.02
CA VAL A 331 -3.14 17.48 10.11
C VAL A 331 -2.96 16.46 11.22
N TYR A 332 -1.96 15.60 11.14
CA TYR A 332 -1.59 14.72 12.24
C TYR A 332 -0.37 15.23 13.00
N GLY A 333 -0.21 16.55 13.12
CA GLY A 333 0.85 17.02 13.98
C GLY A 333 1.55 18.32 13.62
N ALA A 334 1.44 18.76 12.37
CA ALA A 334 2.11 19.99 11.97
C ALA A 334 1.39 21.20 12.56
N PRO A 335 2.12 22.14 13.17
CA PRO A 335 1.45 23.29 13.79
C PRO A 335 0.76 24.16 12.75
N GLY A 336 -0.38 24.73 13.17
CA GLY A 336 -1.16 25.60 12.31
C GLY A 336 -2.10 24.88 11.37
N PHE A 337 -1.97 23.56 11.24
CA PHE A 337 -2.80 22.84 10.31
C PHE A 337 -4.02 22.26 11.00
N SER A 338 -5.11 22.20 10.25
CA SER A 338 -6.38 21.70 10.75
C SER A 338 -7.25 21.35 9.57
N LYS A 339 -7.95 20.23 9.65
CA LYS A 339 -8.88 19.91 8.58
C LYS A 339 -10.10 20.81 8.59
N ASP A 340 -10.27 21.62 9.64
CA ASP A 340 -11.49 22.40 9.81
C ASP A 340 -11.29 23.88 9.52
N ASN A 341 -10.11 24.28 9.06
CA ASN A 341 -9.92 25.61 8.52
C ASN A 341 -8.93 25.48 7.36
N ASN A 342 -8.57 26.61 6.77
CA ASN A 342 -7.78 26.55 5.55
C ASN A 342 -6.28 26.48 5.81
N SER A 343 -5.86 26.46 7.07
CA SER A 343 -4.48 26.11 7.46
C SER A 343 -3.45 27.01 6.80
N ILE A 344 -3.77 28.30 6.69
CA ILE A 344 -2.75 29.26 6.29
C ILE A 344 -1.71 29.32 7.40
N ILE A 345 -0.48 28.91 7.07
CA ILE A 345 0.60 28.91 8.04
C ILE A 345 1.64 29.93 7.62
N THR A 346 2.44 30.34 8.59
CA THR A 346 3.49 31.31 8.40
C THR A 346 4.83 30.63 8.13
N ARG A 347 5.83 31.44 7.80
CA ARG A 347 7.18 30.92 7.65
C ARG A 347 7.61 30.17 8.91
N LYS A 348 7.34 30.76 10.08
CA LYS A 348 7.74 30.15 11.34
C LYS A 348 7.02 28.83 11.56
N GLU A 349 5.74 28.75 11.17
CA GLU A 349 5.00 27.50 11.28
C GLU A 349 5.54 26.46 10.31
N PHE A 350 5.88 26.88 9.09
CA PHE A 350 6.53 25.98 8.15
C PHE A 350 7.79 25.38 8.75
N GLN A 351 8.69 26.23 9.24
CA GLN A 351 9.92 25.75 9.86
C GLN A 351 9.62 24.78 10.99
N GLU A 352 8.60 25.09 11.80
CA GLU A 352 8.20 24.18 12.87
C GLU A 352 7.71 22.86 12.31
N GLY A 353 6.97 22.89 11.20
CA GLY A 353 6.52 21.66 10.56
C GLY A 353 7.66 20.76 10.10
N LEU A 354 8.76 21.35 9.64
CA LEU A 354 9.88 20.53 9.20
C LEU A 354 10.47 19.77 10.38
N LYS A 355 10.54 20.41 11.55
CA LYS A 355 11.04 19.71 12.73
C LYS A 355 10.17 18.51 13.06
N ILE A 356 8.85 18.65 12.88
CA ILE A 356 7.92 17.56 13.10
C ILE A 356 8.16 16.43 12.11
N PHE A 357 8.39 16.77 10.83
CA PHE A 357 8.52 15.71 9.83
C PHE A 357 9.94 15.21 9.62
N PHE A 358 10.97 15.95 10.03
CA PHE A 358 12.37 15.54 9.87
C PHE A 358 13.09 15.69 11.21
N PRO A 359 12.65 14.95 12.23
CA PRO A 359 13.17 15.23 13.58
C PRO A 359 14.64 14.91 13.72
N GLY A 360 15.12 13.85 13.08
CA GLY A 360 16.52 13.51 13.21
C GLY A 360 17.44 14.19 12.22
N VAL A 361 16.95 15.22 11.52
CA VAL A 361 17.72 15.88 10.47
C VAL A 361 18.38 17.13 11.03
N SER A 362 19.60 17.38 10.59
CA SER A 362 20.37 18.52 11.04
C SER A 362 19.69 19.84 10.69
N GLU A 363 20.08 20.88 11.42
CA GLU A 363 19.69 22.24 11.07
C GLU A 363 19.93 22.51 9.59
N PHE A 364 21.13 22.21 9.10
CA PHE A 364 21.45 22.50 7.71
C PHE A 364 20.51 21.75 6.77
N GLY A 365 20.20 20.50 7.09
CA GLY A 365 19.31 19.75 6.24
C GLY A 365 17.93 20.34 6.18
N LYS A 366 17.40 20.79 7.33
CA LYS A 366 16.10 21.43 7.34
C LYS A 366 16.15 22.77 6.60
N GLU A 367 17.24 23.53 6.77
CA GLU A 367 17.40 24.74 5.98
C GLU A 367 17.42 24.45 4.50
N SER A 368 18.05 23.35 4.08
CA SER A 368 18.11 23.06 2.66
C SER A 368 16.72 22.77 2.09
N ILE A 369 15.86 22.11 2.87
CA ILE A 369 14.48 21.90 2.42
C ILE A 369 13.79 23.24 2.26
N LEU A 370 13.87 24.08 3.28
CA LEU A 370 13.23 25.39 3.21
C LEU A 370 13.72 26.17 2.00
N PHE A 371 15.02 26.14 1.75
CA PHE A 371 15.60 26.93 0.66
C PHE A 371 15.02 26.50 -0.69
N HIS A 372 14.98 25.21 -0.95
CA HIS A 372 14.50 24.68 -2.23
CA HIS A 372 14.52 24.78 -2.27
C HIS A 372 13.00 24.89 -2.42
N TYR A 373 12.23 24.85 -1.34
CA TYR A 373 10.78 24.92 -1.45
C TYR A 373 10.19 26.28 -1.22
N THR A 374 10.96 27.29 -0.81
CA THR A 374 10.35 28.58 -0.48
C THR A 374 10.94 29.70 -1.31
N ASP A 375 11.29 29.41 -2.55
CA ASP A 375 11.62 30.44 -3.53
C ASP A 375 10.39 30.67 -4.40
N TRP A 376 9.59 31.67 -4.06
CA TRP A 376 8.29 31.87 -4.70
C TRP A 376 8.39 32.86 -5.86
N VAL A 377 7.38 32.76 -6.73
CA VAL A 377 7.08 33.79 -7.72
C VAL A 377 6.48 34.99 -7.00
N ASP A 378 5.27 34.83 -6.43
CA ASP A 378 4.61 35.86 -5.65
C ASP A 378 4.74 35.49 -4.18
N ASP A 379 5.67 36.14 -3.48
CA ASP A 379 5.91 35.86 -2.08
C ASP A 379 4.81 36.41 -1.16
N GLN A 380 3.75 36.98 -1.73
CA GLN A 380 2.63 37.50 -0.96
C GLN A 380 1.41 36.59 -0.99
N ARG A 381 1.49 35.43 -1.64
CA ARG A 381 0.40 34.45 -1.61
C ARG A 381 0.27 33.84 -0.22
N PRO A 382 -0.86 34.03 0.47
CA PRO A 382 -0.93 33.63 1.89
C PRO A 382 -0.79 32.14 2.14
N GLU A 383 -1.10 31.28 1.17
CA GLU A 383 -0.98 29.84 1.35
C GLU A 383 0.34 29.28 0.85
N ASN A 384 1.31 30.15 0.54
CA ASN A 384 2.60 29.68 0.02
C ASN A 384 3.18 28.60 0.92
N TYR A 385 3.22 28.84 2.22
CA TYR A 385 3.89 27.91 3.12
C TYR A 385 3.06 26.67 3.35
N ARG A 386 1.73 26.81 3.40
CA ARG A 386 0.86 25.64 3.52
C ARG A 386 1.07 24.68 2.36
N GLU A 387 1.12 25.19 1.14
CA GLU A 387 1.29 24.32 -0.02
C GLU A 387 2.69 23.72 -0.05
N ALA A 388 3.69 24.51 0.37
CA ALA A 388 5.07 24.04 0.32
C ALA A 388 5.25 22.85 1.25
N LEU A 389 4.65 22.89 2.43
CA LEU A 389 4.84 21.80 3.38
C LEU A 389 4.19 20.52 2.88
N GLY A 390 2.98 20.62 2.32
CA GLY A 390 2.37 19.47 1.67
C GLY A 390 3.24 18.86 0.59
N ASP A 391 3.83 19.72 -0.27
CA ASP A 391 4.69 19.22 -1.34
C ASP A 391 5.97 18.61 -0.80
N VAL A 392 6.58 19.25 0.20
CA VAL A 392 7.74 18.65 0.86
C VAL A 392 7.43 17.21 1.27
N VAL A 393 6.33 17.01 2.01
CA VAL A 393 6.03 15.69 2.57
C VAL A 393 5.71 14.70 1.46
N GLY A 394 4.97 15.13 0.44
CA GLY A 394 4.55 14.25 -0.62
C GLY A 394 5.68 13.90 -1.55
N ASP A 395 6.52 14.89 -1.88
CA ASP A 395 7.64 14.63 -2.80
C ASP A 395 8.65 13.70 -2.15
N TYR A 396 8.97 13.95 -0.88
CA TYR A 396 10.02 13.18 -0.23
C TYR A 396 9.57 11.76 0.09
N ASN A 397 8.32 11.60 0.56
CA ASN A 397 7.83 10.30 0.99
C ASN A 397 7.19 9.46 -0.11
N PHE A 398 6.69 10.06 -1.19
CA PHE A 398 5.96 9.25 -2.16
C PHE A 398 6.35 9.51 -3.61
N ILE A 399 6.28 10.76 -4.07
CA ILE A 399 6.36 11.02 -5.50
C ILE A 399 7.77 10.75 -6.00
N CYS A 400 8.79 11.30 -5.32
CA CYS A 400 10.14 11.16 -5.83
C CYS A 400 10.63 9.71 -5.71
N PRO A 401 10.30 8.98 -4.63
CA PRO A 401 10.66 7.56 -4.64
C PRO A 401 9.94 6.78 -5.71
N ALA A 402 8.67 7.10 -6.01
CA ALA A 402 8.00 6.33 -7.05
C ALA A 402 8.63 6.59 -8.42
N LEU A 403 8.98 7.84 -8.71
CA LEU A 403 9.64 8.12 -9.98
C LEU A 403 11.01 7.45 -10.04
N GLU A 404 11.80 7.54 -8.95
CA GLU A 404 13.11 6.90 -8.97
CA GLU A 404 13.11 6.90 -8.89
C GLU A 404 12.99 5.39 -9.13
N PHE A 405 12.03 4.75 -8.44
CA PHE A 405 11.81 3.33 -8.65
C PHE A 405 11.52 3.03 -10.11
N THR A 406 10.62 3.79 -10.72
CA THR A 406 10.21 3.56 -12.10
C THR A 406 11.36 3.78 -13.08
N LYS A 407 12.18 4.82 -12.88
CA LYS A 407 13.33 5.01 -13.76
C LYS A 407 14.28 3.83 -13.66
N LYS A 408 14.62 3.44 -12.42
CA LYS A 408 15.59 2.38 -12.23
C LYS A 408 15.05 1.04 -12.71
N PHE A 409 13.75 0.81 -12.56
CA PHE A 409 13.18 -0.46 -13.01
C PHE A 409 13.16 -0.54 -14.53
N SER A 410 12.79 0.55 -15.19
CA SER A 410 12.66 0.55 -16.63
C SER A 410 14.01 0.48 -17.34
N GLU A 411 15.10 0.91 -16.68
CA GLU A 411 16.43 0.82 -17.29
C GLU A 411 16.87 -0.60 -17.58
N TRP A 412 16.17 -1.61 -17.08
CA TRP A 412 16.55 -2.98 -17.35
C TRP A 412 15.69 -3.62 -18.43
N GLY A 413 14.99 -2.82 -19.24
CA GLY A 413 14.38 -3.30 -20.45
C GLY A 413 12.86 -3.40 -20.43
N ASN A 414 12.23 -3.35 -19.28
CA ASN A 414 10.81 -3.66 -19.19
C ASN A 414 9.95 -2.43 -19.39
N ASN A 415 8.81 -2.64 -20.04
CA ASN A 415 7.81 -1.59 -20.15
C ASN A 415 7.30 -1.15 -18.79
N ALA A 416 7.30 0.15 -18.56
CA ALA A 416 6.74 0.73 -17.36
C ALA A 416 5.81 1.85 -17.79
N PHE A 417 4.75 2.04 -17.01
CA PHE A 417 3.74 3.05 -17.28
C PHE A 417 3.54 3.86 -16.01
N PHE A 418 3.62 5.18 -16.10
CA PHE A 418 3.51 6.06 -14.93
C PHE A 418 2.31 6.99 -15.09
N TYR A 419 1.53 7.15 -14.01
CA TYR A 419 0.36 8.02 -14.01
C TYR A 419 0.46 9.06 -12.92
N TYR A 420 -0.20 10.18 -13.12
CA TYR A 420 -0.30 11.27 -12.14
C TYR A 420 -1.78 11.52 -11.93
N PHE A 421 -2.31 11.05 -10.79
CA PHE A 421 -3.74 11.11 -10.51
C PHE A 421 -4.08 12.48 -9.89
N GLU A 422 -4.93 13.24 -10.55
CA GLU A 422 -5.17 14.60 -10.07
C GLU A 422 -6.64 14.95 -10.05
N HIS A 423 -7.50 13.97 -9.88
CA HIS A 423 -8.91 14.27 -9.62
C HIS A 423 -9.21 14.21 -8.14
N ARG A 424 -9.78 15.29 -7.60
CA ARG A 424 -10.24 15.31 -6.23
C ARG A 424 -11.67 14.79 -6.18
N SER A 425 -11.91 13.72 -5.42
CA SER A 425 -13.23 13.11 -5.33
C SER A 425 -14.26 14.13 -4.90
N SER A 426 -15.39 14.17 -5.61
CA SER A 426 -16.50 15.05 -5.21
C SER A 426 -17.04 14.68 -3.84
N LYS A 427 -16.84 13.45 -3.39
CA LYS A 427 -17.29 13.02 -2.08
C LYS A 427 -16.14 13.03 -1.06
N LEU A 428 -15.04 13.72 -1.32
CA LEU A 428 -13.92 13.72 -0.39
C LEU A 428 -14.31 14.39 0.93
N PRO A 429 -14.30 13.69 2.06
CA PRO A 429 -14.76 14.32 3.31
C PRO A 429 -13.76 15.31 3.89
N TRP A 430 -12.48 15.22 3.53
CA TRP A 430 -11.47 16.18 3.95
C TRP A 430 -11.62 17.51 3.19
N PRO A 431 -11.12 18.61 3.75
CA PRO A 431 -11.34 19.92 3.12
C PRO A 431 -10.57 20.07 1.81
N GLU A 432 -10.99 21.09 1.06
CA GLU A 432 -10.52 21.29 -0.30
C GLU A 432 -9.03 21.63 -0.37
N TRP A 433 -8.49 22.30 0.66
CA TRP A 433 -7.08 22.64 0.61
C TRP A 433 -6.19 21.41 0.63
N MET A 434 -6.68 20.29 1.12
CA MET A 434 -5.86 19.08 1.09
C MET A 434 -5.79 18.45 -0.29
N GLY A 435 -6.63 18.88 -1.23
CA GLY A 435 -6.40 18.47 -2.61
C GLY A 435 -6.62 16.98 -2.83
N VAL A 436 -5.83 16.42 -3.76
CA VAL A 436 -6.01 15.05 -4.25
C VAL A 436 -5.18 14.17 -3.31
N MET A 437 -5.81 13.69 -2.25
CA MET A 437 -5.07 13.17 -1.12
C MET A 437 -4.56 11.75 -1.37
N HIS A 438 -3.51 11.40 -0.61
CA HIS A 438 -3.04 10.03 -0.48
C HIS A 438 -4.20 9.09 -0.18
N GLY A 439 -4.31 8.05 -1.00
CA GLY A 439 -5.34 7.03 -0.83
C GLY A 439 -6.65 7.25 -1.57
N TYR A 440 -6.86 8.42 -2.16
CA TYR A 440 -8.17 8.72 -2.68
C TYR A 440 -8.28 8.51 -4.19
N GLU A 441 -7.33 7.78 -4.77
CA GLU A 441 -7.52 7.16 -6.07
C GLU A 441 -8.08 5.75 -5.95
N ILE A 442 -7.94 5.13 -4.78
CA ILE A 442 -8.31 3.72 -4.62
C ILE A 442 -9.75 3.48 -5.00
N GLU A 443 -10.67 4.35 -4.55
CA GLU A 443 -12.08 4.13 -4.84
C GLU A 443 -12.35 4.17 -6.35
N PHE A 444 -11.56 4.93 -7.11
CA PHE A 444 -11.71 4.94 -8.56
C PHE A 444 -11.17 3.68 -9.21
N VAL A 445 -10.08 3.13 -8.66
CA VAL A 445 -9.51 1.89 -9.17
C VAL A 445 -10.46 0.72 -8.94
N PHE A 446 -11.15 0.71 -7.80
CA PHE A 446 -12.09 -0.36 -7.50
C PHE A 446 -13.47 -0.13 -8.08
N GLY A 447 -13.71 1.00 -8.72
CA GLY A 447 -14.96 1.17 -9.45
C GLY A 447 -16.14 1.56 -8.61
N LEU A 448 -15.91 2.13 -7.42
CA LEU A 448 -17.04 2.63 -6.64
C LEU A 448 -17.85 3.68 -7.39
N PRO A 449 -17.26 4.63 -8.12
CA PRO A 449 -18.09 5.61 -8.83
C PRO A 449 -18.91 5.02 -9.96
N LEU A 450 -18.70 3.74 -10.30
CA LEU A 450 -19.61 3.10 -11.25
C LEU A 450 -20.99 2.86 -10.63
N GLU A 451 -21.08 2.79 -9.30
CA GLU A 451 -22.38 2.69 -8.65
C GLU A 451 -23.09 4.03 -8.74
N ARG A 452 -24.11 4.11 -9.61
CA ARG A 452 -24.87 5.34 -9.77
C ARG A 452 -25.63 5.72 -8.51
N ARG A 453 -26.00 4.74 -7.67
CA ARG A 453 -26.69 5.07 -6.43
C ARG A 453 -25.82 5.84 -5.45
N ASP A 454 -24.51 5.91 -5.67
CA ASP A 454 -23.65 6.75 -4.84
C ASP A 454 -23.74 8.20 -5.30
N GLN A 455 -22.98 9.08 -4.64
CA GLN A 455 -23.06 10.51 -4.92
C GLN A 455 -21.96 11.01 -5.85
N TYR A 456 -21.33 10.12 -6.61
CA TYR A 456 -20.31 10.56 -7.56
C TYR A 456 -20.96 11.22 -8.78
N THR A 457 -20.26 12.19 -9.34
CA THR A 457 -20.73 12.83 -10.55
C THR A 457 -20.56 11.90 -11.76
N LYS A 458 -21.18 12.30 -12.87
CA LYS A 458 -21.06 11.54 -14.12
C LYS A 458 -19.63 11.58 -14.65
N ALA A 459 -18.95 12.71 -14.53
CA ALA A 459 -17.55 12.76 -14.91
C ALA A 459 -16.74 11.74 -14.12
N GLU A 460 -17.13 11.48 -12.88
CA GLU A 460 -16.34 10.56 -12.06
C GLU A 460 -16.64 9.12 -12.40
N GLU A 461 -17.88 8.81 -12.75
CA GLU A 461 -18.20 7.49 -13.28
C GLU A 461 -17.37 7.18 -14.52
N ILE A 462 -17.29 8.13 -15.45
CA ILE A 462 -16.52 7.93 -16.67
C ILE A 462 -15.03 7.79 -16.37
N LEU A 463 -14.52 8.56 -15.41
CA LEU A 463 -13.10 8.46 -15.09
C LEU A 463 -12.78 7.12 -14.45
N SER A 464 -13.62 6.67 -13.51
CA SER A 464 -13.44 5.36 -12.92
C SER A 464 -13.55 4.26 -13.97
N ARG A 465 -14.52 4.39 -14.88
CA ARG A 465 -14.72 3.39 -15.92
C ARG A 465 -13.46 3.24 -16.76
N SER A 466 -12.82 4.36 -17.09
N SER A 466 -12.81 4.36 -17.09
CA SER A 466 -11.60 4.30 -17.91
CA SER A 466 -11.60 4.28 -17.91
C SER A 466 -10.44 3.73 -17.11
C SER A 466 -10.42 3.74 -17.12
N ILE A 467 -10.31 4.12 -15.84
CA ILE A 467 -9.22 3.60 -15.00
C ILE A 467 -9.36 2.10 -14.81
N VAL A 468 -10.58 1.65 -14.51
CA VAL A 468 -10.84 0.22 -14.35
C VAL A 468 -10.45 -0.54 -15.61
N LYS A 469 -10.82 -0.01 -16.78
CA LYS A 469 -10.45 -0.66 -18.03
C LYS A 469 -8.93 -0.67 -18.22
N ARG A 470 -8.26 0.44 -17.89
CA ARG A 470 -6.80 0.49 -18.06
C ARG A 470 -6.10 -0.49 -17.11
N TRP A 471 -6.56 -0.58 -15.86
CA TRP A 471 -5.95 -1.52 -14.92
C TRP A 471 -6.19 -2.97 -15.35
N ALA A 472 -7.40 -3.29 -15.83
CA ALA A 472 -7.67 -4.66 -16.27
C ALA A 472 -6.91 -4.98 -17.55
N ASN A 473 -6.81 -4.03 -18.47
CA ASN A 473 -5.99 -4.24 -19.66
C ASN A 473 -4.53 -4.41 -19.30
N PHE A 474 -4.05 -3.68 -18.29
CA PHE A 474 -2.67 -3.90 -17.88
C PHE A 474 -2.52 -5.30 -17.30
N ALA A 475 -3.44 -5.70 -16.43
CA ALA A 475 -3.34 -7.02 -15.83
C ALA A 475 -3.42 -8.12 -16.89
N LYS A 476 -4.37 -8.01 -17.81
CA LYS A 476 -4.57 -9.09 -18.76
C LYS A 476 -3.45 -9.11 -19.80
N TYR A 477 -3.05 -7.93 -20.29
CA TYR A 477 -2.24 -7.82 -21.50
C TYR A 477 -0.94 -7.05 -21.31
N GLY A 478 -0.65 -6.56 -20.12
CA GLY A 478 0.55 -5.80 -19.89
C GLY A 478 0.58 -4.41 -20.47
N ASN A 479 -0.56 -3.87 -20.86
CA ASN A 479 -0.63 -2.62 -21.61
C ASN A 479 -1.87 -1.84 -21.19
N PRO A 480 -1.73 -0.74 -20.41
CA PRO A 480 -2.88 -0.07 -19.79
C PRO A 480 -3.61 0.91 -20.70
N GLN A 481 -3.97 0.44 -21.90
CA GLN A 481 -4.65 1.28 -22.86
C GLN A 481 -6.16 1.16 -22.68
N GLU A 482 -6.87 2.20 -23.10
CA GLU A 482 -8.30 2.12 -23.36
C GLU A 482 -8.41 2.29 -24.87
N THR A 483 -8.70 1.20 -25.57
CA THR A 483 -8.49 1.13 -27.00
C THR A 483 -9.72 1.51 -27.83
N GLN A 484 -10.88 1.73 -27.20
CA GLN A 484 -12.12 1.85 -27.97
C GLN A 484 -12.72 3.24 -27.97
N ASN A 485 -12.52 4.03 -26.95
CA ASN A 485 -13.24 5.28 -26.78
C ASN A 485 -12.33 6.48 -27.05
N GLN A 486 -11.52 6.38 -28.11
CA GLN A 486 -10.67 7.49 -28.56
C GLN A 486 -9.87 8.09 -27.39
N SER A 487 -9.36 7.21 -26.54
CA SER A 487 -8.64 7.64 -25.37
C SER A 487 -7.20 8.00 -25.71
N THR A 488 -6.63 8.88 -24.87
CA THR A 488 -5.21 9.17 -24.93
C THR A 488 -4.42 7.87 -24.75
N SER A 489 -3.56 7.58 -25.70
CA SER A 489 -2.70 6.42 -25.57
C SER A 489 -1.69 6.67 -24.44
N TRP A 490 -1.42 5.65 -23.65
CA TRP A 490 -0.51 5.76 -22.52
C TRP A 490 0.87 5.31 -22.96
N PRO A 491 1.85 6.21 -23.10
CA PRO A 491 3.17 5.80 -23.58
C PRO A 491 3.97 5.14 -22.46
N VAL A 492 4.88 4.26 -22.86
CA VAL A 492 5.75 3.67 -21.85
C VAL A 492 6.64 4.75 -21.28
N PHE A 493 6.97 4.61 -20.01
CA PHE A 493 7.88 5.49 -19.31
C PHE A 493 9.31 5.01 -19.58
N LYS A 494 10.12 5.87 -20.16
CA LYS A 494 11.52 5.57 -20.40
C LYS A 494 12.37 6.52 -19.59
N SER A 495 13.55 6.05 -19.20
CA SER A 495 14.37 6.87 -18.31
C SER A 495 14.85 8.15 -18.99
N THR A 496 14.86 8.17 -20.32
CA THR A 496 15.21 9.38 -21.06
C THR A 496 14.07 10.40 -21.02
N GLU A 497 12.97 10.10 -21.72
CA GLU A 497 11.91 11.09 -21.90
C GLU A 497 10.95 11.15 -20.73
N GLN A 498 10.75 10.05 -20.02
CA GLN A 498 9.96 10.03 -18.78
C GLN A 498 8.54 10.56 -18.99
N LYS A 499 7.86 10.00 -19.98
CA LYS A 499 6.48 10.37 -20.23
C LYS A 499 5.58 9.73 -19.19
N TYR A 500 4.54 10.46 -18.77
CA TYR A 500 3.53 9.94 -17.87
C TYR A 500 2.17 10.47 -18.31
N LEU A 501 1.14 9.78 -17.86
CA LEU A 501 -0.25 10.07 -18.19
C LEU A 501 -0.92 10.75 -17.00
N THR A 502 -1.64 11.84 -17.23
CA THR A 502 -2.43 12.41 -16.15
C THR A 502 -3.84 11.84 -16.20
N LEU A 503 -4.40 11.59 -15.02
CA LEU A 503 -5.73 11.02 -14.86
C LEU A 503 -6.59 12.08 -14.18
N ASN A 504 -7.60 12.56 -14.90
CA ASN A 504 -8.51 13.56 -14.37
C ASN A 504 -9.81 13.47 -15.15
N THR A 505 -10.83 14.16 -14.67
CA THR A 505 -12.10 14.08 -15.38
C THR A 505 -12.07 14.89 -16.66
N GLU A 506 -11.37 16.02 -16.66
CA GLU A 506 -11.34 16.91 -17.82
C GLU A 506 -10.48 16.33 -18.94
N SER A 507 -9.23 16.77 -19.04
CA SER A 507 -8.37 16.40 -20.16
C SER A 507 -7.25 15.49 -19.66
N THR A 508 -7.21 14.27 -20.20
CA THR A 508 -6.16 13.33 -19.90
C THR A 508 -4.95 13.60 -20.81
N ARG A 509 -3.80 13.94 -20.23
CA ARG A 509 -2.69 14.47 -21.01
C ARG A 509 -1.41 13.66 -20.85
N ILE A 510 -0.57 13.71 -21.88
CA ILE A 510 0.78 13.18 -21.80
C ILE A 510 1.73 14.29 -21.40
N MET A 511 2.45 14.08 -20.31
CA MET A 511 3.42 15.05 -19.83
CA MET A 511 3.40 15.03 -19.77
C MET A 511 4.75 14.34 -19.60
N THR A 512 5.78 15.15 -19.34
CA THR A 512 7.14 14.61 -19.19
C THR A 512 7.79 15.10 -17.91
N LYS A 513 8.60 14.22 -17.30
CA LYS A 513 9.55 14.60 -16.25
C LYS A 513 8.85 15.24 -15.06
N LEU A 514 7.97 14.47 -14.43
CA LEU A 514 7.19 14.96 -13.30
C LEU A 514 8.10 15.38 -12.14
N ARG A 515 7.87 16.59 -11.61
CA ARG A 515 8.57 17.09 -10.42
C ARG A 515 10.08 17.02 -10.58
N ALA A 516 10.57 17.35 -11.78
CA ALA A 516 11.98 17.13 -12.08
C ALA A 516 12.88 17.86 -11.10
N GLN A 517 12.61 19.17 -10.91
CA GLN A 517 13.46 19.98 -10.07
C GLN A 517 13.38 19.53 -8.62
N GLN A 518 12.18 19.17 -8.16
CA GLN A 518 12.02 18.76 -6.78
C GLN A 518 12.70 17.42 -6.52
N CYS A 519 12.53 16.46 -7.42
CA CYS A 519 13.10 15.14 -7.17
C CYS A 519 14.62 15.15 -7.27
N ARG A 520 15.22 16.01 -8.10
CA ARG A 520 16.68 16.12 -8.05
C ARG A 520 17.16 16.52 -6.66
N PHE A 521 16.41 17.39 -5.97
CA PHE A 521 16.79 17.75 -4.61
C PHE A 521 16.74 16.53 -3.68
N TRP A 522 15.60 15.83 -3.66
CA TRP A 522 15.44 14.72 -2.73
C TRP A 522 16.28 13.51 -3.11
N THR A 523 16.44 13.26 -4.42
CA THR A 523 17.03 12.01 -4.86
C THR A 523 18.53 12.13 -5.00
N SER A 524 19.04 13.30 -5.36
CA SER A 524 20.47 13.52 -5.53
C SER A 524 21.12 14.21 -4.35
N PHE A 525 20.46 15.18 -3.74
CA PHE A 525 21.08 15.97 -2.68
C PHE A 525 20.75 15.43 -1.27
N PHE A 526 19.47 15.46 -0.90
CA PHE A 526 19.06 15.22 0.48
C PHE A 526 19.60 13.94 1.11
N PRO A 527 19.78 12.83 0.37
CA PRO A 527 20.35 11.64 1.00
C PRO A 527 21.74 11.84 1.56
N LYS A 528 22.49 12.85 1.10
CA LYS A 528 23.81 13.08 1.65
C LYS A 528 23.73 13.63 3.08
N VAL A 529 22.81 14.58 3.31
CA VAL A 529 22.73 15.26 4.60
C VAL A 529 22.32 14.30 5.72
C1 NAG B . -22.43 -23.17 7.07
C2 NAG B . -22.94 -23.54 8.47
C3 NAG B . -24.06 -24.59 8.41
C4 NAG B . -25.17 -24.10 7.48
C5 NAG B . -24.53 -23.78 6.13
C6 NAG B . -25.54 -23.30 5.11
C7 NAG B . -21.48 -23.36 10.41
C8 NAG B . -22.31 -22.14 10.76
N2 NAG B . -21.84 -23.99 9.28
O3 NAG B . -24.51 -24.78 9.73
O4 NAG B . -26.17 -25.09 7.37
O5 NAG B . -23.55 -22.78 6.28
O6 NAG B . -25.88 -21.96 5.40
O7 NAG B . -20.55 -23.73 11.11
C1 FUC B . -27.31 -21.82 5.39
C2 FUC B . -27.63 -20.32 5.55
C3 FUC B . -27.24 -19.56 4.29
C4 FUC B . -28.02 -20.14 3.10
C5 FUC B . -27.66 -21.62 2.97
C6 FUC B . -28.41 -22.34 1.88
O2 FUC B . -26.96 -19.83 6.68
O3 FUC B . -27.45 -18.19 4.51
O4 FUC B . -29.40 -19.93 3.30
O5 FUC B . -27.88 -22.32 4.20
C1 NAG C . -5.35 -20.61 -19.21
C2 NAG C . -5.42 -22.08 -19.67
C3 NAG C . -4.00 -22.65 -19.80
C4 NAG C . -3.02 -21.74 -20.56
C5 NAG C . -3.16 -20.29 -20.06
C6 NAG C . -2.34 -19.23 -20.80
C7 NAG C . -7.57 -23.08 -18.88
C8 NAG C . -8.16 -24.00 -17.84
N2 NAG C . -6.23 -22.91 -18.81
O3 NAG C . -4.15 -23.93 -20.38
O4 NAG C . -1.69 -22.17 -20.30
O5 NAG C . -4.52 -19.90 -20.08
O6 NAG C . -2.33 -17.96 -20.14
O7 NAG C . -8.28 -22.54 -19.71
C1 NAG C . -1.27 -23.35 -21.01
C2 NAG C . 0.21 -23.18 -21.39
C3 NAG C . 0.77 -24.46 -22.03
C4 NAG C . 0.51 -25.67 -21.14
C5 NAG C . -0.97 -25.73 -20.73
C6 NAG C . -1.29 -26.81 -19.70
C7 NAG C . 1.19 -20.97 -21.95
C8 NAG C . 1.93 -21.05 -20.63
N2 NAG C . 0.40 -22.03 -22.24
O3 NAG C . 2.14 -24.26 -22.22
O4 NAG C . 0.93 -26.81 -21.84
O5 NAG C . -1.42 -24.49 -20.18
O6 NAG C . -0.84 -26.38 -18.43
O7 NAG C . 1.31 -20.00 -22.68
C1 FUC C . -1.68 -16.96 -20.98
C2 FUC C . -2.00 -15.52 -20.50
C3 FUC C . -1.17 -15.07 -19.27
C4 FUC C . 0.32 -15.34 -19.47
C5 FUC C . 0.49 -16.82 -19.85
C6 FUC C . 1.94 -17.24 -20.09
O2 FUC C . -3.38 -15.35 -20.31
O3 FUC C . -1.45 -13.69 -19.03
O4 FUC C . 0.84 -14.45 -20.43
O5 FUC C . -0.27 -17.14 -21.01
C1 NAG D . 17.90 3.43 20.76
C2 NAG D . 17.76 4.87 20.25
C3 NAG D . 18.19 5.87 21.31
C4 NAG D . 17.43 5.66 22.62
C5 NAG D . 17.44 4.18 23.01
C6 NAG D . 16.48 3.87 24.15
C7 NAG D . 18.01 5.61 17.91
C8 NAG D . 18.97 5.69 16.75
N2 NAG D . 18.51 5.05 19.03
O3 NAG D . 18.00 7.15 20.79
O4 NAG D . 18.09 6.45 23.59
O5 NAG D . 17.10 3.33 21.92
O6 NAG D . 15.21 4.40 23.84
O7 NAG D . 16.86 6.03 17.82
C1 NAG D . 17.28 7.54 24.10
C2 NAG D . 17.82 7.96 25.47
C3 NAG D . 17.02 9.14 26.02
C4 NAG D . 17.13 10.29 25.03
C5 NAG D . 16.58 9.79 23.68
C6 NAG D . 16.63 10.84 22.59
C7 NAG D . 18.93 6.04 26.52
C8 NAG D . 18.81 4.93 27.53
N2 NAG D . 17.86 6.85 26.41
O3 NAG D . 17.52 9.49 27.29
O4 NAG D . 16.43 11.41 25.53
O5 NAG D . 17.32 8.66 23.24
O6 NAG D . 17.66 10.52 21.69
O7 NAG D . 19.93 6.16 25.84
C1 FUC D . 14.55 4.80 25.07
C2 FUC D . 13.49 5.88 24.76
C3 FUC D . 12.35 5.34 23.91
C4 FUC D . 11.74 4.10 24.58
C5 FUC D . 12.86 3.09 24.91
C6 FUC D . 12.36 1.91 25.71
O2 FUC D . 14.13 7.00 24.17
O3 FUC D . 11.38 6.36 23.79
O4 FUC D . 11.02 4.55 25.69
O5 FUC D . 13.90 3.69 25.65
C1 NAG E . -6.66 26.49 12.18
C2 NAG E . -6.13 27.86 12.57
C3 NAG E . -4.89 27.73 13.44
C4 NAG E . -5.15 26.79 14.60
C5 NAG E . -5.66 25.46 14.03
C6 NAG E . -5.93 24.40 15.07
C7 NAG E . -6.70 29.42 10.74
C8 NAG E . -6.17 30.12 9.52
N2 NAG E . -5.83 28.63 11.40
O3 NAG E . -4.57 29.02 13.86
O4 NAG E . -3.92 26.62 15.29
O5 NAG E . -6.86 25.72 13.33
O6 NAG E . -6.72 24.96 16.10
O7 NAG E . -7.86 29.56 11.09
C1 NAG E . -4.05 27.04 16.65
C2 NAG E . -2.87 26.39 17.38
C3 NAG E . -2.64 26.91 18.80
C4 NAG E . -2.73 28.44 18.83
C5 NAG E . -4.03 28.87 18.12
C6 NAG E . -4.31 30.35 18.15
C7 NAG E . -2.15 24.13 16.83
C8 NAG E . -0.88 24.77 16.32
N2 NAG E . -3.07 24.96 17.34
O3 NAG E . -1.38 26.44 19.19
O4 NAG E . -2.66 28.87 20.17
O5 NAG E . -3.98 28.44 16.77
O6 NAG E . -4.88 30.67 19.40
O7 NAG E . -2.31 22.92 16.78
C1 FUC E . -7.73 24.03 16.56
C2 FUC E . -8.37 24.60 17.82
C3 FUC E . -9.29 25.79 17.54
C4 FUC E . -10.24 25.57 16.34
C5 FUC E . -9.46 24.97 15.17
C6 FUC E . -10.29 24.56 13.96
O2 FUC E . -7.33 24.95 18.72
O3 FUC E . -9.98 26.00 18.74
O4 FUC E . -11.32 24.77 16.77
O5 FUC E . -8.75 23.81 15.62
C1 NAG F . 18.63 -19.70 24.48
C2 NAG F . 19.89 -20.60 24.43
C3 NAG F . 19.65 -21.69 23.38
C4 NAG F . 18.37 -22.47 23.72
C5 NAG F . 17.20 -21.47 23.79
C6 NAG F . 15.84 -22.08 24.03
C7 NAG F . 22.01 -19.52 25.11
C8 NAG F . 23.20 -18.73 24.60
N2 NAG F . 21.09 -19.84 24.17
O3 NAG F . 20.79 -22.51 23.28
O4 NAG F . 18.18 -23.46 22.72
O5 NAG F . 17.50 -20.49 24.78
O6 NAG F . 15.69 -22.56 25.35
O7 NAG F . 21.92 -19.83 26.29
C1 NAG G . -17.08 3.86 -24.04
C2 NAG G . -17.22 3.23 -22.63
C3 NAG G . -18.56 2.50 -22.61
C4 NAG G . -19.69 3.51 -22.83
C5 NAG G . -19.50 4.16 -24.21
C6 NAG G . -20.51 5.24 -24.52
C7 NAG G . -15.09 2.58 -21.49
C8 NAG G . -14.17 1.40 -21.29
N2 NAG G . -16.17 2.33 -22.28
O3 NAG G . -18.65 1.80 -21.40
O4 NAG G . -20.92 2.82 -22.73
O5 NAG G . -18.19 4.71 -24.29
O6 NAG G . -20.44 5.67 -25.86
O7 NAG G . -14.83 3.67 -20.98
C01 A1JDP H . -4.10 5.35 2.46
C03 A1JDP H . -4.75 5.30 4.69
C04 A1JDP H . -4.56 6.17 5.93
C06 A1JDP H . -2.61 7.77 5.87
C07 A1JDP H . -3.29 8.68 6.89
C08 A1JDP H . -2.91 9.87 6.77
C11 A1JDP H . -1.82 9.38 9.85
C12 A1JDP H . -0.74 8.68 10.65
C13 A1JDP H . 0.09 8.14 11.32
C14 A1JDP H . -2.89 8.22 8.31
C15 A1JDP H . -2.29 5.39 6.63
C17 A1JDP H . -0.78 5.56 6.87
C18 A1JDP H . 0.05 5.58 5.74
C20 A1JDP H . 2.00 5.80 7.14
C21 A1JDP H . 3.41 5.92 7.31
C22 A1JDP H . 4.22 5.94 6.19
C23 A1JDP H . 3.67 5.84 4.90
C24 A1JDP H . 2.29 5.73 4.74
C26 A1JDP H . -0.23 5.66 8.15
O02 A1JDP H . -4.55 6.11 3.56
C09 A1JDP H . -1.95 10.20 8.01
C19 A1JDP H . 1.46 5.71 5.90
C25 A1JDP H . 1.15 5.78 8.30
N05 A1JDP H . -3.13 6.44 6.13
N10 A1JDP H . -1.75 9.12 8.68
O16 A1JDP H . -2.79 4.33 6.83
S SO4 I . 8.41 -5.81 -21.88
O1 SO4 I . 7.40 -5.07 -22.70
O2 SO4 I . 8.21 -7.29 -22.07
O3 SO4 I . 9.79 -5.45 -22.35
O4 SO4 I . 8.23 -5.43 -20.43
S SO4 J . 10.82 5.20 10.24
O1 SO4 J . 9.79 5.29 11.33
O2 SO4 J . 11.59 3.90 10.32
O3 SO4 J . 10.11 5.24 8.91
O4 SO4 J . 11.77 6.36 10.36
S SO4 K . -9.33 10.71 -22.74
O1 SO4 K . -10.36 10.17 -23.69
O2 SO4 K . -8.25 9.68 -22.55
O3 SO4 K . -8.72 11.95 -23.35
O4 SO4 K . -9.96 11.03 -21.42
S SO4 L . 14.69 32.86 9.26
O1 SO4 L . 13.21 32.91 9.03
O2 SO4 L . 15.00 32.25 10.59
O3 SO4 L . 15.34 32.04 8.17
O4 SO4 L . 15.21 34.27 9.20
CL CL M . 19.43 20.68 -6.21
#